data_4BUW
#
_entry.id   4BUW
#
_cell.length_a   91.150
_cell.length_b   98.030
_cell.length_c   118.610
_cell.angle_alpha   90.00
_cell.angle_beta   90.00
_cell.angle_gamma   90.00
#
_symmetry.space_group_name_H-M   'C 2 2 21'
#
loop_
_entity.id
_entity.type
_entity.pdbx_description
1 polymer TANKYRASE-2
2 non-polymer 'ZINC ION'
3 non-polymer 'SULFATE ION'
4 non-polymer GLYCEROL
5 non-polymer 2-[4-(2-OXO-1,3-OXAZOLIDIN-3-YL)PHENYL]-3,4-DIHYDROQUINAZOLIN-4-ONE
6 non-polymer DI(HYDROXYETHYL)ETHER
7 water water
#
_entity_poly.entity_id   1
_entity_poly.type   'polypeptide(L)'
_entity_poly.pdbx_seq_one_letter_code
;MHHHHHHSSGVDLGTENLYFQSMLNTSGSGTILIDLSPDDKEFQSVEEEMQSTVREHRDGGHAGGIFNRYNILKIQKVCN
KKLWERYTHRRKEVSEENHNHANERMLFHGSPFVNAIIHKGFDERHAYIGGMFGAGIYFAENSSKSNQYVYGIGGGTGCP
VHKDRSCYICHRQLLFCRVTLGKSFLQFSAMKMAHSPPGHHSVTGRPSVNGLALAEYVIYRGEQAYPEYLITYQIMRPEG
;
_entity_poly.pdbx_strand_id   A,B
#
loop_
_chem_comp.id
_chem_comp.type
_chem_comp.name
_chem_comp.formula
F33 non-polymer 2-[4-(2-OXO-1,3-OXAZOLIDIN-3-YL)PHENYL]-3,4-DIHYDROQUINAZOLIN-4-ONE 'C17 H13 N3 O3'
GOL non-polymer GLYCEROL 'C3 H8 O3'
PEG non-polymer DI(HYDROXYETHYL)ETHER 'C4 H10 O3'
SO4 non-polymer 'SULFATE ION' 'O4 S -2'
ZN non-polymer 'ZINC ION' 'Zn 2'
#
# COMPACT_ATOMS: atom_id res chain seq x y z
N GLY A 30 26.29 -6.09 26.63
CA GLY A 30 25.45 -5.86 27.83
C GLY A 30 24.14 -6.64 27.82
N THR A 31 23.79 -7.28 26.72
CA THR A 31 22.51 -7.95 26.61
C THR A 31 22.64 -9.38 27.07
N ILE A 32 21.72 -9.80 27.93
CA ILE A 32 21.55 -11.21 28.16
C ILE A 32 20.12 -11.63 27.81
N LEU A 33 20.00 -12.86 27.33
CA LEU A 33 18.75 -13.46 26.89
C LEU A 33 18.36 -14.56 27.86
N ILE A 34 17.22 -14.37 28.50
CA ILE A 34 16.67 -15.39 29.41
C ILE A 34 15.53 -16.17 28.77
N ASP A 35 15.69 -17.49 28.67
CA ASP A 35 14.64 -18.33 28.14
C ASP A 35 13.46 -18.38 29.05
N LEU A 36 12.27 -18.27 28.50
CA LEU A 36 11.09 -18.48 29.28
C LEU A 36 10.66 -19.92 29.14
N SER A 37 10.14 -20.49 30.21
CA SER A 37 9.54 -21.81 30.12
C SER A 37 8.18 -21.70 29.46
N PRO A 38 7.81 -22.69 28.66
CA PRO A 38 6.46 -22.74 28.10
C PRO A 38 5.36 -22.85 29.16
N ASP A 39 5.73 -23.24 30.39
CA ASP A 39 4.80 -23.27 31.52
C ASP A 39 4.57 -21.92 32.15
N ASP A 40 5.41 -20.96 31.82
CA ASP A 40 5.37 -19.63 32.42
C ASP A 40 4.20 -18.87 31.81
N LYS A 41 3.42 -18.19 32.67
CA LYS A 41 2.31 -17.37 32.19
C LYS A 41 2.78 -16.31 31.18
N GLU A 42 4.01 -15.85 31.36
CA GLU A 42 4.55 -14.83 30.49
C GLU A 42 4.84 -15.38 29.08
N PHE A 43 5.39 -16.58 29.00
CA PHE A 43 5.52 -17.30 27.73
C PHE A 43 4.16 -17.42 27.06
N GLN A 44 3.19 -17.86 27.84
CA GLN A 44 1.89 -18.16 27.27
C GLN A 44 1.15 -16.93 26.75
N SER A 45 1.27 -15.82 27.46
CA SER A 45 0.61 -14.59 27.03
C SER A 45 1.30 -13.99 25.79
N VAL A 46 2.63 -14.07 25.69
CA VAL A 46 3.35 -13.64 24.48
C VAL A 46 3.02 -14.56 23.29
N GLU A 47 2.95 -15.88 23.50
CA GLU A 47 2.57 -16.79 22.44
C GLU A 47 1.17 -16.46 21.97
N GLU A 48 0.27 -16.22 22.89
CA GLU A 48 -1.09 -15.97 22.49
C GLU A 48 -1.21 -14.71 21.61
N GLU A 49 -0.43 -13.67 21.93
CA GLU A 49 -0.43 -12.47 21.11
C GLU A 49 0.15 -12.75 19.73
N MET A 50 1.20 -13.57 19.64
CA MET A 50 1.72 -13.99 18.33
C MET A 50 0.67 -14.72 17.47
N GLN A 51 0.02 -15.72 18.05
CA GLN A 51 -0.84 -16.62 17.31
C GLN A 51 -2.15 -15.88 16.97
N SER A 52 -2.66 -15.11 17.90
CA SER A 52 -3.98 -14.55 17.73
C SER A 52 -4.02 -13.37 16.79
N THR A 53 -2.86 -12.83 16.41
CA THR A 53 -2.83 -11.67 15.52
C THR A 53 -2.33 -12.04 14.13
N VAL A 54 -2.29 -13.31 13.79
CA VAL A 54 -2.10 -13.74 12.40
C VAL A 54 -3.35 -13.35 11.57
N ARG A 55 -3.13 -12.82 10.38
CA ARG A 55 -4.20 -12.58 9.41
C ARG A 55 -3.76 -12.97 8.03
N GLU A 56 -4.71 -13.02 7.09
CA GLU A 56 -4.36 -13.12 5.67
C GLU A 56 -3.90 -11.76 5.15
N HIS A 57 -3.00 -11.82 4.20
CA HIS A 57 -2.40 -10.67 3.59
C HIS A 57 -2.79 -10.57 2.14
N ARG A 58 -2.84 -9.34 1.67
CA ARG A 58 -3.32 -9.06 0.32
C ARG A 58 -2.41 -9.57 -0.80
N ASP A 59 -1.16 -9.89 -0.45
CA ASP A 59 -0.23 -10.51 -1.38
C ASP A 59 -0.36 -12.00 -1.54
N GLY A 60 -1.35 -12.60 -0.89
CA GLY A 60 -1.60 -14.03 -0.96
C GLY A 60 -0.49 -14.89 -0.36
N GLY A 61 0.35 -14.28 0.47
CA GLY A 61 1.50 -14.96 1.08
C GLY A 61 2.83 -14.71 0.41
N HIS A 62 2.86 -13.87 -0.62
CA HIS A 62 4.10 -13.66 -1.36
C HIS A 62 5.31 -13.27 -0.48
N ALA A 63 5.12 -12.30 0.42
CA ALA A 63 6.22 -11.76 1.20
C ALA A 63 6.54 -12.65 2.38
N GLY A 64 5.54 -13.16 3.08
CA GLY A 64 5.74 -13.78 4.39
C GLY A 64 5.51 -15.25 4.43
N GLY A 65 4.89 -15.80 3.39
CA GLY A 65 4.56 -17.21 3.35
C GLY A 65 3.10 -17.46 3.56
N ILE A 66 2.69 -18.68 3.28
CA ILE A 66 1.29 -19.10 3.48
C ILE A 66 1.20 -19.88 4.77
N PHE A 67 0.37 -19.39 5.71
CA PHE A 67 0.22 -20.01 7.04
C PHE A 67 -0.93 -19.35 7.81
N ASN A 68 -1.52 -20.10 8.74
CA ASN A 68 -2.54 -19.61 9.65
C ASN A 68 -2.07 -19.52 11.07
N ARG A 69 -0.91 -20.11 11.34
CA ARG A 69 -0.39 -20.16 12.68
C ARG A 69 1.09 -20.50 12.66
N TYR A 70 1.71 -20.36 13.82
CA TYR A 70 3.13 -20.62 13.98
C TYR A 70 3.42 -21.79 14.88
N ASN A 71 4.62 -22.33 14.72
CA ASN A 71 5.21 -23.24 15.70
C ASN A 71 6.20 -22.43 16.50
N ILE A 72 5.85 -22.07 17.72
CA ILE A 72 6.74 -21.29 18.56
C ILE A 72 7.80 -22.21 19.12
N LEU A 73 9.05 -21.86 18.86
CA LEU A 73 10.16 -22.71 19.32
C LEU A 73 10.79 -22.20 20.62
N LYS A 74 10.87 -20.89 20.78
CA LYS A 74 11.52 -20.31 21.94
C LYS A 74 11.05 -18.89 22.14
N ILE A 75 10.91 -18.48 23.40
CA ILE A 75 10.67 -17.09 23.71
C ILE A 75 11.70 -16.71 24.76
N GLN A 76 12.47 -15.68 24.44
CA GLN A 76 13.49 -15.16 25.36
C GLN A 76 13.22 -13.72 25.74
N LYS A 77 13.41 -13.41 27.01
CA LYS A 77 13.36 -12.05 27.54
C LYS A 77 14.71 -11.39 27.28
N VAL A 78 14.68 -10.20 26.71
CA VAL A 78 15.87 -9.46 26.37
C VAL A 78 16.14 -8.50 27.50
N CYS A 79 17.32 -8.62 28.12
CA CYS A 79 17.65 -7.84 29.31
C CYS A 79 18.92 -7.06 29.05
N ASN A 80 18.79 -5.74 28.95
CA ASN A 80 19.94 -4.88 28.82
C ASN A 80 19.63 -3.60 29.59
N LYS A 81 20.38 -3.36 30.64
CA LYS A 81 20.09 -2.23 31.54
C LYS A 81 20.24 -0.88 30.89
N LYS A 82 21.32 -0.69 30.15
CA LYS A 82 21.55 0.54 29.46
C LYS A 82 20.43 0.83 28.42
N LEU A 83 20.04 -0.18 27.65
CA LEU A 83 18.99 0.03 26.64
C LEU A 83 17.64 0.31 27.33
N TRP A 84 17.37 -0.38 28.43
CA TRP A 84 16.14 -0.17 29.19
C TRP A 84 16.10 1.26 29.76
N GLU A 85 17.21 1.71 30.32
CA GLU A 85 17.24 3.06 30.88
C GLU A 85 17.10 4.13 29.81
N ARG A 86 17.67 3.87 28.65
CA ARG A 86 17.49 4.74 27.49
C ARG A 86 16.02 4.85 27.10
N TYR A 87 15.37 3.70 27.02
CA TYR A 87 13.92 3.67 26.79
C TYR A 87 13.10 4.42 27.86
N THR A 88 13.32 4.15 29.13
CA THR A 88 12.48 4.76 30.18
C THR A 88 12.73 6.26 30.31
N HIS A 89 13.95 6.68 30.02
CA HIS A 89 14.28 8.10 29.98
C HIS A 89 13.45 8.83 28.94
N ARG A 90 13.40 8.26 27.72
CA ARG A 90 12.62 8.87 26.65
C ARG A 90 11.10 8.78 26.96
N ARG A 91 10.69 7.66 27.55
CA ARG A 91 9.29 7.45 27.90
C ARG A 91 8.78 8.54 28.84
N LYS A 92 9.59 8.88 29.84
CA LYS A 92 9.26 9.96 30.76
C LYS A 92 9.17 11.31 30.04
N GLU A 93 10.10 11.59 29.14
CA GLU A 93 10.03 12.82 28.37
C GLU A 93 8.73 12.92 27.56
N VAL A 94 8.38 11.84 26.87
CA VAL A 94 7.13 11.81 26.12
C VAL A 94 5.93 11.97 27.01
N SER A 95 5.91 11.22 28.12
CA SER A 95 4.82 11.26 29.06
C SER A 95 4.57 12.69 29.53
N GLU A 96 5.65 13.37 29.89
CA GLU A 96 5.53 14.74 30.36
C GLU A 96 5.03 15.72 29.30
N GLU A 97 5.24 15.41 28.03
CA GLU A 97 4.73 16.19 26.92
C GLU A 97 3.29 15.82 26.53
N ASN A 98 2.66 14.89 27.26
CA ASN A 98 1.38 14.34 26.85
C ASN A 98 0.55 13.96 28.05
N HIS A 99 0.36 14.94 28.96
CA HIS A 99 -0.47 14.79 30.17
C HIS A 99 -0.22 13.49 30.90
N ASN A 100 1.07 13.21 31.09
CA ASN A 100 1.52 12.03 31.82
C ASN A 100 1.05 10.70 31.25
N HIS A 101 0.98 10.63 29.94
CA HIS A 101 0.56 9.44 29.24
C HIS A 101 1.54 9.11 28.13
N ALA A 102 2.33 8.07 28.38
CA ALA A 102 3.30 7.58 27.39
C ALA A 102 2.65 6.93 26.19
N ASN A 103 1.41 6.45 26.34
CA ASN A 103 0.70 5.71 25.31
C ASN A 103 1.58 4.54 24.83
N GLU A 104 1.93 3.68 25.79
CA GLU A 104 2.83 2.57 25.56
C GLU A 104 2.06 1.35 25.06
N ARG A 105 2.57 0.73 24.02
CA ARG A 105 1.96 -0.45 23.44
C ARG A 105 3.01 -1.57 23.38
N MET A 106 2.54 -2.79 23.21
CA MET A 106 3.40 -3.94 22.88
C MET A 106 3.10 -4.34 21.44
N LEU A 107 4.14 -4.26 20.61
CA LEU A 107 3.98 -4.38 19.16
C LEU A 107 5.11 -5.24 18.57
N PHE A 108 4.84 -5.84 17.41
CA PHE A 108 5.82 -6.73 16.74
C PHE A 108 6.71 -5.95 15.83
N HIS A 109 7.93 -6.45 15.67
CA HIS A 109 8.87 -5.89 14.74
C HIS A 109 9.63 -7.08 14.11
N GLY A 110 9.62 -7.11 12.77
CA GLY A 110 10.37 -8.10 11.99
C GLY A 110 11.44 -7.39 11.21
N SER A 111 12.65 -7.94 11.19
CA SER A 111 13.77 -7.31 10.53
C SER A 111 14.90 -8.29 10.34
N PRO A 112 15.63 -8.17 9.23
CA PRO A 112 16.85 -8.97 9.19
C PRO A 112 17.85 -8.58 10.26
N PHE A 113 17.67 -7.43 10.89
CA PHE A 113 18.64 -6.93 11.87
C PHE A 113 18.29 -7.18 13.35
N VAL A 114 17.42 -8.14 13.61
CA VAL A 114 16.99 -8.48 14.99
CA VAL A 114 16.98 -8.39 14.99
C VAL A 114 18.18 -8.70 15.91
N ASN A 115 19.18 -9.43 15.44
CA ASN A 115 20.40 -9.61 16.27
C ASN A 115 21.12 -8.33 16.65
N ALA A 116 21.31 -7.39 15.72
CA ALA A 116 21.84 -6.10 16.09
C ALA A 116 20.92 -5.34 17.04
N ILE A 117 19.63 -5.42 16.81
CA ILE A 117 18.71 -4.64 17.66
C ILE A 117 18.80 -5.05 19.12
N ILE A 118 18.86 -6.34 19.37
CA ILE A 118 18.81 -6.77 20.76
C ILE A 118 20.09 -6.47 21.52
N HIS A 119 21.19 -6.29 20.78
CA HIS A 119 22.47 -5.91 21.39
C HIS A 119 22.71 -4.43 21.50
N LYS A 120 22.32 -3.66 20.49
CA LYS A 120 22.70 -2.26 20.34
C LYS A 120 21.53 -1.27 20.47
N GLY A 121 20.32 -1.81 20.40
CA GLY A 121 19.10 -1.00 20.49
C GLY A 121 18.64 -0.63 19.10
N PHE A 122 17.44 -0.07 19.02
CA PHE A 122 16.94 0.47 17.76
C PHE A 122 17.65 1.79 17.47
N ASP A 123 17.95 2.02 16.20
CA ASP A 123 18.44 3.32 15.75
C ASP A 123 18.14 3.53 14.25
N GLU A 124 18.53 4.71 13.74
CA GLU A 124 18.39 5.05 12.31
C GLU A 124 18.69 3.96 11.30
N ARG A 125 19.56 3.01 11.63
CA ARG A 125 19.88 1.93 10.70
C ARG A 125 18.79 0.87 10.58
N HIS A 126 17.81 0.95 11.49
CA HIS A 126 16.71 -0.01 11.56
C HIS A 126 15.43 0.54 10.93
N ALA A 127 15.53 1.77 10.38
CA ALA A 127 14.40 2.45 9.77
C ALA A 127 14.08 1.88 8.41
N TYR A 128 12.81 1.97 8.06
CA TYR A 128 12.31 1.65 6.73
C TYR A 128 12.26 2.95 5.93
N ILE A 129 13.29 3.21 5.14
CA ILE A 129 13.44 4.51 4.47
C ILE A 129 12.26 4.71 3.55
N GLY A 130 11.87 3.66 2.82
CA GLY A 130 10.75 3.76 1.90
C GLY A 130 9.36 3.50 2.44
N GLY A 131 9.19 3.52 3.75
CA GLY A 131 7.88 3.26 4.32
C GLY A 131 6.86 4.33 3.93
N MET A 132 5.60 3.91 3.95
CA MET A 132 4.51 4.82 3.51
C MET A 132 4.26 6.00 4.42
N PHE A 133 4.79 5.92 5.63
CA PHE A 133 4.77 7.03 6.56
C PHE A 133 6.11 7.66 6.79
N GLY A 134 7.03 7.50 5.84
CA GLY A 134 8.35 8.13 5.89
C GLY A 134 9.38 7.25 6.59
N ALA A 135 10.62 7.74 6.62
CA ALA A 135 11.73 7.01 7.16
C ALA A 135 11.63 6.98 8.67
N GLY A 136 11.15 5.88 9.19
CA GLY A 136 11.06 5.66 10.62
C GLY A 136 11.14 4.17 10.86
N ILE A 137 10.96 3.80 12.12
CA ILE A 137 10.97 2.43 12.54
C ILE A 137 9.53 1.94 12.71
N TYR A 138 9.19 0.86 12.05
CA TYR A 138 7.81 0.43 11.87
C TYR A 138 7.52 -0.76 12.77
N PHE A 139 6.32 -0.76 13.35
CA PHE A 139 5.86 -1.84 14.19
C PHE A 139 4.46 -2.22 13.80
N ALA A 140 4.07 -3.47 14.05
CA ALA A 140 2.72 -3.94 13.73
C ALA A 140 1.99 -4.58 14.91
N GLU A 141 0.68 -4.40 14.95
CA GLU A 141 -0.23 -5.19 15.81
C GLU A 141 -0.37 -6.62 15.30
N ASN A 142 -0.39 -6.81 14.00
CA ASN A 142 -0.45 -8.15 13.42
C ASN A 142 0.96 -8.76 13.36
N SER A 143 1.17 -9.84 14.11
CA SER A 143 2.44 -10.53 13.99
C SER A 143 2.76 -10.94 12.54
N SER A 144 1.73 -11.32 11.78
CA SER A 144 1.91 -11.75 10.40
C SER A 144 2.39 -10.62 9.50
N LYS A 145 2.04 -9.38 9.83
CA LYS A 145 2.61 -8.23 9.12
C LYS A 145 4.14 -8.12 9.33
N SER A 146 4.59 -8.14 10.59
CA SER A 146 6.06 -8.14 10.90
C SER A 146 6.79 -9.33 10.31
N ASN A 147 6.09 -10.47 10.24
CA ASN A 147 6.65 -11.68 9.61
C ASN A 147 7.03 -11.46 8.14
N GLN A 148 6.32 -10.58 7.45
CA GLN A 148 6.66 -10.22 6.10
C GLN A 148 8.02 -9.53 5.94
N TYR A 149 8.63 -9.07 7.04
CA TYR A 149 9.88 -8.32 7.01
C TYR A 149 11.08 -9.05 7.57
N VAL A 150 10.87 -10.26 8.05
CA VAL A 150 11.95 -11.07 8.68
C VAL A 150 13.14 -11.26 7.73
N TYR A 151 12.86 -11.47 6.44
CA TYR A 151 13.89 -11.73 5.45
C TYR A 151 14.11 -10.52 4.57
N GLY A 152 13.51 -9.38 4.95
CA GLY A 152 13.76 -8.10 4.31
C GLY A 152 12.45 -7.52 3.79
N ILE A 153 12.53 -6.36 3.16
CA ILE A 153 11.36 -5.71 2.59
C ILE A 153 10.80 -6.62 1.53
N GLY A 154 9.50 -6.83 1.59
CA GLY A 154 8.83 -7.73 0.67
C GLY A 154 9.25 -9.18 0.87
N GLY A 155 9.87 -9.52 1.99
CA GLY A 155 10.34 -10.88 2.19
C GLY A 155 11.71 -11.16 1.56
N GLY A 156 12.31 -10.12 0.98
CA GLY A 156 13.58 -10.21 0.28
C GLY A 156 13.57 -11.36 -0.67
N THR A 157 14.60 -12.20 -0.57
CA THR A 157 14.70 -13.44 -1.35
C THR A 157 14.37 -14.64 -0.49
N GLY A 158 13.73 -14.40 0.64
CA GLY A 158 13.32 -15.48 1.52
C GLY A 158 14.45 -15.99 2.39
N CYS A 159 14.30 -17.21 2.89
CA CYS A 159 15.26 -17.76 3.83
C CYS A 159 16.66 -17.86 3.21
N PRO A 160 17.71 -17.64 4.02
CA PRO A 160 19.08 -17.79 3.48
C PRO A 160 19.38 -19.16 2.89
N VAL A 161 18.82 -20.21 3.49
CA VAL A 161 19.20 -21.57 3.12
C VAL A 161 18.50 -22.08 1.86
N HIS A 162 17.20 -21.83 1.75
CA HIS A 162 16.42 -22.34 0.64
C HIS A 162 15.91 -21.27 -0.33
N LYS A 163 16.15 -19.98 -0.07
CA LYS A 163 15.62 -18.88 -0.88
C LYS A 163 14.11 -18.97 -1.04
N ASP A 164 13.43 -19.32 0.04
CA ASP A 164 11.99 -19.52 0.02
C ASP A 164 11.31 -18.56 1.03
N ARG A 165 10.50 -17.62 0.54
CA ARG A 165 9.76 -16.70 1.43
C ARG A 165 8.70 -17.40 2.26
N SER A 166 8.26 -18.57 1.81
CA SER A 166 7.35 -19.41 2.52
C SER A 166 8.00 -20.63 3.16
N CYS A 167 9.27 -20.54 3.50
CA CYS A 167 9.98 -21.71 4.06
C CYS A 167 9.34 -22.14 5.37
N TYR A 168 9.05 -23.44 5.47
CA TYR A 168 8.44 -24.00 6.66
C TYR A 168 9.47 -24.72 7.55
N ILE A 169 10.70 -24.74 7.09
CA ILE A 169 11.77 -25.42 7.82
C ILE A 169 12.60 -24.44 8.66
N CYS A 170 13.05 -23.38 8.01
CA CYS A 170 13.97 -22.44 8.62
C CYS A 170 13.34 -21.68 9.82
N HIS A 171 14.14 -21.52 10.87
CA HIS A 171 13.79 -20.73 12.06
C HIS A 171 13.81 -19.26 11.78
N ARG A 172 12.72 -18.60 12.15
CA ARG A 172 12.54 -17.18 12.01
C ARG A 172 12.56 -16.54 13.37
N GLN A 173 12.86 -15.24 13.41
CA GLN A 173 12.74 -14.49 14.66
C GLN A 173 11.99 -13.17 14.51
N LEU A 174 11.13 -12.87 15.48
CA LEU A 174 10.45 -11.58 15.59
C LEU A 174 10.78 -11.01 16.95
N LEU A 175 10.67 -9.70 17.07
CA LEU A 175 10.67 -9.03 18.35
C LEU A 175 9.27 -8.62 18.74
N PHE A 176 8.96 -8.76 20.02
CA PHE A 176 7.73 -8.20 20.60
C PHE A 176 8.21 -7.11 21.54
N CYS A 177 7.90 -5.87 21.19
CA CYS A 177 8.59 -4.70 21.74
C CYS A 177 7.68 -3.81 22.52
N ARG A 178 8.25 -3.11 23.49
CA ARG A 178 7.54 -2.08 24.22
C ARG A 178 7.80 -0.79 23.48
N VAL A 179 6.74 -0.15 23.04
CA VAL A 179 6.85 1.04 22.20
C VAL A 179 6.08 2.22 22.78
N THR A 180 6.72 3.38 22.87
CA THR A 180 6.11 4.59 23.36
C THR A 180 5.57 5.36 22.18
N LEU A 181 4.25 5.52 22.11
CA LEU A 181 3.65 6.28 20.99
C LEU A 181 3.42 7.74 21.28
N GLY A 182 3.21 8.08 22.54
CA GLY A 182 2.89 9.44 22.87
C GLY A 182 1.64 9.88 22.12
N LYS A 183 1.63 11.14 21.73
CA LYS A 183 0.61 11.67 20.85
C LYS A 183 0.88 11.24 19.44
N SER A 184 0.03 10.36 18.94
CA SER A 184 0.28 9.70 17.66
C SER A 184 -0.58 10.36 16.59
N PHE A 185 0.05 10.70 15.49
CA PHE A 185 -0.62 11.28 14.30
C PHE A 185 -1.39 10.20 13.53
N LEU A 186 -2.70 10.36 13.40
CA LEU A 186 -3.56 9.33 12.77
C LEU A 186 -3.58 9.51 11.28
N GLN A 187 -3.10 8.51 10.55
CA GLN A 187 -3.13 8.51 9.10
C GLN A 187 -4.10 7.44 8.69
N PHE A 188 -5.18 7.82 8.00
CA PHE A 188 -6.14 6.84 7.47
C PHE A 188 -5.46 6.40 6.15
N SER A 189 -5.46 5.12 5.84
CA SER A 189 -4.77 4.70 4.60
C SER A 189 -5.18 3.32 4.22
N ALA A 190 -5.08 3.04 2.92
CA ALA A 190 -5.33 1.69 2.39
C ALA A 190 -4.25 0.70 2.83
N MET A 193 16.67 9.25 9.02
CA MET A 193 15.38 9.09 9.69
C MET A 193 14.62 10.42 9.72
N ALA A 194 13.35 10.41 9.32
CA ALA A 194 12.54 11.62 9.28
C ALA A 194 12.13 12.07 10.70
N HIS A 195 11.25 13.05 10.79
CA HIS A 195 10.78 13.54 12.06
C HIS A 195 9.31 13.22 12.21
N SER A 196 8.85 13.07 13.45
CA SER A 196 7.43 13.03 13.72
C SER A 196 6.79 14.30 13.21
N PRO A 197 5.52 14.23 12.80
CA PRO A 197 4.76 15.43 12.52
C PRO A 197 4.83 16.37 13.70
N PRO A 198 5.01 17.66 13.43
CA PRO A 198 5.03 18.64 14.50
C PRO A 198 3.92 18.37 15.52
N GLY A 199 4.28 18.38 16.79
CA GLY A 199 3.30 18.21 17.84
C GLY A 199 2.96 16.76 18.17
N HIS A 200 3.64 15.81 17.52
CA HIS A 200 3.37 14.38 17.67
C HIS A 200 4.63 13.59 17.97
N HIS A 201 4.46 12.40 18.53
CA HIS A 201 5.61 11.52 18.89
C HIS A 201 5.75 10.25 18.04
N SER A 202 4.76 10.04 17.19
CA SER A 202 4.64 8.85 16.39
C SER A 202 3.58 9.06 15.34
N VAL A 203 3.49 8.09 14.43
CA VAL A 203 2.41 8.01 13.46
C VAL A 203 1.70 6.66 13.56
N THR A 204 0.37 6.70 13.48
CA THR A 204 -0.47 5.51 13.44
C THR A 204 -1.01 5.36 12.05
N GLY A 205 -0.75 4.23 11.44
CA GLY A 205 -1.31 3.92 10.15
C GLY A 205 -2.57 3.13 10.34
N ARG A 206 -3.74 3.77 10.20
CA ARG A 206 -5.03 3.08 10.38
CA ARG A 206 -5.01 3.08 10.37
C ARG A 206 -5.44 2.38 9.08
N PRO A 207 -5.76 1.09 9.16
CA PRO A 207 -6.30 0.52 7.90
C PRO A 207 -7.65 1.17 7.50
N SER A 208 -7.78 1.61 6.23
CA SER A 208 -9.02 2.23 5.67
C SER A 208 -9.72 1.39 4.56
N VAL A 209 -9.23 0.18 4.31
CA VAL A 209 -9.74 -0.67 3.23
C VAL A 209 -9.97 -2.10 3.74
N ASN A 210 -8.87 -2.74 4.14
CA ASN A 210 -8.91 -4.11 4.64
C ASN A 210 -9.45 -4.08 6.05
N GLY A 211 -10.72 -4.45 6.11
CA GLY A 211 -11.44 -4.55 7.35
C GLY A 211 -10.82 -5.43 8.37
N LEU A 212 -9.94 -6.38 8.00
CA LEU A 212 -9.41 -7.27 9.06
C LEU A 212 -8.05 -6.83 9.58
N ALA A 213 -7.43 -5.86 8.93
CA ALA A 213 -6.05 -5.49 9.29
C ALA A 213 -6.04 -4.71 10.57
N LEU A 214 -5.04 -4.96 11.40
CA LEU A 214 -4.78 -4.15 12.55
C LEU A 214 -3.83 -3.00 12.19
N ALA A 215 -3.67 -2.09 13.12
CA ALA A 215 -2.90 -0.89 12.91
C ALA A 215 -1.38 -1.21 12.82
N GLU A 216 -0.67 -0.29 12.18
CA GLU A 216 0.77 -0.27 12.14
C GLU A 216 1.21 1.09 12.66
N TYR A 217 2.42 1.16 13.16
CA TYR A 217 2.87 2.35 13.89
C TYR A 217 4.30 2.68 13.51
N VAL A 218 4.63 3.98 13.50
CA VAL A 218 5.98 4.42 13.21
C VAL A 218 6.48 5.38 14.26
N ILE A 219 7.69 5.12 14.75
CA ILE A 219 8.42 6.02 15.65
C ILE A 219 9.67 6.51 14.89
N TYR A 220 10.13 7.69 15.26
CA TYR A 220 11.23 8.32 14.54
C TYR A 220 12.46 8.51 15.43
N ARG A 221 12.47 7.84 16.57
CA ARG A 221 13.60 7.86 17.50
C ARG A 221 13.75 6.46 18.04
N GLY A 222 14.96 5.90 17.98
CA GLY A 222 15.17 4.51 18.44
C GLY A 222 14.89 4.30 19.91
N GLU A 223 15.03 5.38 20.68
CA GLU A 223 14.84 5.35 22.12
C GLU A 223 13.38 5.15 22.52
N GLN A 224 12.44 5.19 21.57
CA GLN A 224 11.03 5.02 21.89
C GLN A 224 10.55 3.59 21.78
N ALA A 225 11.47 2.63 21.65
CA ALA A 225 11.08 1.23 21.64
C ALA A 225 12.17 0.45 22.40
N TYR A 226 11.73 -0.57 23.13
CA TYR A 226 12.64 -1.52 23.77
C TYR A 226 12.29 -2.93 23.27
N PRO A 227 13.28 -3.70 22.78
CA PRO A 227 13.01 -5.04 22.25
C PRO A 227 12.88 -6.06 23.39
N GLU A 228 11.68 -6.27 23.89
CA GLU A 228 11.45 -6.97 25.15
CA GLU A 228 11.55 -6.96 25.15
C GLU A 228 11.58 -8.47 25.03
N TYR A 229 10.96 -9.02 23.98
CA TYR A 229 10.98 -10.47 23.77
C TYR A 229 11.46 -10.82 22.39
N LEU A 230 12.35 -11.80 22.34
CA LEU A 230 12.82 -12.42 21.10
C LEU A 230 12.09 -13.75 20.93
N ILE A 231 11.31 -13.84 19.86
CA ILE A 231 10.51 -15.01 19.59
C ILE A 231 11.08 -15.73 18.40
N THR A 232 11.41 -17.02 18.61
CA THR A 232 11.93 -17.89 17.57
C THR A 232 10.83 -18.87 17.13
N TYR A 233 10.57 -18.98 15.83
CA TYR A 233 9.39 -19.72 15.37
C TYR A 233 9.54 -20.20 13.96
N GLN A 234 8.64 -21.10 13.59
CA GLN A 234 8.45 -21.42 12.19
C GLN A 234 7.01 -21.08 11.81
N ILE A 235 6.81 -20.71 10.55
CA ILE A 235 5.44 -20.66 10.04
C ILE A 235 5.04 -22.11 9.74
N MET A 236 3.76 -22.41 9.92
CA MET A 236 3.27 -23.77 9.71
C MET A 236 2.42 -23.85 8.44
N ARG A 237 2.68 -24.91 7.68
CA ARG A 237 1.98 -25.16 6.43
C ARG A 237 0.55 -25.56 6.76
N PRO A 238 -0.44 -24.84 6.20
CA PRO A 238 -1.82 -25.23 6.50
C PRO A 238 -2.14 -26.65 6.03
N GLU A 239 -3.06 -27.32 6.71
CA GLU A 239 -3.44 -28.70 6.37
C GLU A 239 -4.50 -28.79 5.29
N GLY B 30 -10.05 -13.76 -5.66
CA GLY B 30 -8.88 -14.32 -6.40
C GLY B 30 -7.80 -13.28 -6.70
N THR B 31 -7.97 -12.05 -6.25
CA THR B 31 -6.95 -11.04 -6.57
C THR B 31 -5.85 -11.10 -5.52
N ILE B 32 -4.61 -11.10 -5.98
CA ILE B 32 -3.49 -10.84 -5.11
C ILE B 32 -2.78 -9.57 -5.59
N LEU B 33 -2.26 -8.82 -4.63
CA LEU B 33 -1.50 -7.63 -4.92
C LEU B 33 -0.04 -7.83 -4.54
N ILE B 34 0.86 -7.56 -5.48
CA ILE B 34 2.29 -7.73 -5.29
C ILE B 34 2.98 -6.39 -5.33
N ASP B 35 3.66 -6.04 -4.24
CA ASP B 35 4.34 -4.77 -4.14
C ASP B 35 5.53 -4.75 -5.04
N LEU B 36 5.70 -3.66 -5.76
CA LEU B 36 6.92 -3.47 -6.50
C LEU B 36 7.94 -2.68 -5.69
N SER B 37 9.21 -3.05 -5.82
CA SER B 37 10.29 -2.32 -5.18
C SER B 37 10.52 -1.01 -5.91
N PRO B 38 10.75 0.10 -5.20
CA PRO B 38 11.19 1.34 -5.84
C PRO B 38 12.47 1.22 -6.68
N ASP B 39 13.29 0.21 -6.37
CA ASP B 39 14.53 -0.07 -7.10
C ASP B 39 14.32 -0.84 -8.39
N ASP B 40 13.10 -1.29 -8.62
CA ASP B 40 12.70 -2.05 -9.80
C ASP B 40 12.41 -1.07 -10.95
N LYS B 41 12.94 -1.35 -12.14
CA LYS B 41 12.62 -0.55 -13.30
C LYS B 41 11.12 -0.46 -13.56
N GLU B 42 10.38 -1.51 -13.28
CA GLU B 42 8.93 -1.47 -13.50
C GLU B 42 8.26 -0.39 -12.65
N PHE B 43 8.61 -0.31 -11.37
CA PHE B 43 8.11 0.73 -10.47
C PHE B 43 8.45 2.08 -11.05
N GLN B 44 9.70 2.22 -11.48
CA GLN B 44 10.22 3.49 -11.92
C GLN B 44 9.53 3.96 -13.19
N SER B 45 9.16 3.02 -14.03
CA SER B 45 8.49 3.35 -15.26
C SER B 45 7.04 3.85 -15.00
N VAL B 46 6.36 3.16 -14.11
CA VAL B 46 5.02 3.56 -13.72
C VAL B 46 5.04 4.91 -13.01
N GLU B 47 5.96 5.08 -12.08
CA GLU B 47 6.11 6.38 -11.45
C GLU B 47 6.37 7.49 -12.48
N GLU B 48 7.22 7.25 -13.46
CA GLU B 48 7.51 8.29 -14.46
C GLU B 48 6.28 8.61 -15.33
N GLU B 49 5.48 7.60 -15.66
CA GLU B 49 4.27 7.82 -16.43
C GLU B 49 3.27 8.70 -15.62
N MET B 50 3.18 8.41 -14.33
CA MET B 50 2.39 9.21 -13.44
C MET B 50 2.85 10.69 -13.35
N GLN B 51 4.10 10.90 -12.99
CA GLN B 51 4.65 12.24 -12.82
C GLN B 51 4.69 13.04 -14.13
N SER B 52 5.02 12.39 -15.22
CA SER B 52 5.25 13.10 -16.47
C SER B 52 3.94 13.50 -17.14
N THR B 53 2.82 12.93 -16.71
CA THR B 53 1.54 13.31 -17.30
C THR B 53 0.63 14.16 -16.42
N VAL B 54 1.22 14.78 -15.41
CA VAL B 54 0.51 15.82 -14.68
C VAL B 54 0.44 17.06 -15.58
N ARG B 55 -0.74 17.65 -15.64
CA ARG B 55 -0.90 18.96 -16.28
C ARG B 55 -1.72 19.88 -15.40
N GLU B 56 -1.81 21.14 -15.82
CA GLU B 56 -2.76 22.09 -15.23
C GLU B 56 -4.15 21.83 -15.75
N HIS B 57 -5.13 22.10 -14.90
CA HIS B 57 -6.48 21.88 -15.23
C HIS B 57 -7.24 23.19 -15.22
N ARG B 58 -8.25 23.27 -16.05
CA ARG B 58 -8.97 24.55 -16.27
C ARG B 58 -9.83 24.97 -15.11
N ASP B 59 -10.05 24.08 -14.15
CA ASP B 59 -10.78 24.40 -12.92
C ASP B 59 -9.90 24.93 -11.81
N GLY B 60 -8.64 25.21 -12.13
CA GLY B 60 -7.70 25.77 -11.20
C GLY B 60 -7.33 24.82 -10.04
N GLY B 61 -7.67 23.55 -10.15
CA GLY B 61 -7.48 22.61 -9.03
C GLY B 61 -8.71 22.25 -8.23
N HIS B 62 -9.86 22.83 -8.59
CA HIS B 62 -11.07 22.62 -7.84
C HIS B 62 -11.33 21.13 -7.57
N ALA B 63 -11.30 20.33 -8.61
CA ALA B 63 -11.70 18.93 -8.49
C ALA B 63 -10.61 18.07 -7.89
N GLY B 64 -9.40 18.20 -8.42
CA GLY B 64 -8.29 17.32 -8.03
C GLY B 64 -7.27 17.82 -7.04
N GLY B 65 -7.29 19.11 -6.76
CA GLY B 65 -6.29 19.74 -5.93
C GLY B 65 -5.25 20.50 -6.72
N ILE B 66 -4.44 21.26 -6.00
CA ILE B 66 -3.35 22.04 -6.57
C ILE B 66 -2.04 21.32 -6.31
N PHE B 67 -1.38 20.94 -7.40
CA PHE B 67 -0.11 20.20 -7.36
C PHE B 67 0.54 20.16 -8.72
N ASN B 68 1.85 19.97 -8.72
CA ASN B 68 2.61 19.74 -9.93
C ASN B 68 3.22 18.34 -10.02
N ARG B 69 3.18 17.59 -8.92
CA ARG B 69 3.78 16.30 -8.83
C ARG B 69 3.19 15.55 -7.64
N TYR B 70 3.44 14.23 -7.63
CA TYR B 70 2.98 13.33 -6.62
C TYR B 70 4.12 12.85 -5.72
N ASN B 71 3.75 12.50 -4.49
CA ASN B 71 4.52 11.55 -3.68
C ASN B 71 4.00 10.12 -3.85
N ILE B 72 4.73 9.30 -4.60
CA ILE B 72 4.30 7.92 -4.86
C ILE B 72 4.67 7.08 -3.62
N LEU B 73 3.68 6.48 -2.99
CA LEU B 73 3.90 5.76 -1.73
C LEU B 73 4.06 4.26 -1.98
N LYS B 74 3.33 3.74 -2.96
CA LYS B 74 3.33 2.32 -3.25
C LYS B 74 2.80 2.05 -4.66
N ILE B 75 3.37 1.05 -5.32
CA ILE B 75 2.86 0.58 -6.58
C ILE B 75 2.75 -0.94 -6.51
N GLN B 76 1.53 -1.44 -6.71
CA GLN B 76 1.24 -2.86 -6.65
C GLN B 76 0.75 -3.40 -7.97
N LYS B 77 1.28 -4.56 -8.32
CA LYS B 77 0.78 -5.33 -9.45
C LYS B 77 -0.47 -6.09 -9.03
N VAL B 78 -1.52 -6.00 -9.85
CA VAL B 78 -2.85 -6.59 -9.54
C VAL B 78 -2.95 -7.91 -10.31
N CYS B 79 -3.08 -9.02 -9.60
CA CYS B 79 -3.00 -10.33 -10.27
C CYS B 79 -4.26 -11.09 -10.01
N ASN B 80 -5.02 -11.34 -11.07
CA ASN B 80 -6.23 -12.13 -10.98
C ASN B 80 -6.38 -12.89 -12.27
N LYS B 81 -6.22 -14.20 -12.17
CA LYS B 81 -6.23 -15.09 -13.32
C LYS B 81 -7.57 -15.05 -14.05
N LYS B 82 -8.67 -15.12 -13.31
CA LYS B 82 -10.01 -15.07 -13.93
C LYS B 82 -10.27 -13.75 -14.68
N LEU B 83 -9.94 -12.63 -14.06
CA LEU B 83 -10.07 -11.32 -14.68
C LEU B 83 -9.14 -11.16 -15.88
N TRP B 84 -7.93 -11.68 -15.78
CA TRP B 84 -6.98 -11.59 -16.86
C TRP B 84 -7.49 -12.38 -18.07
N GLU B 85 -7.99 -13.58 -17.82
CA GLU B 85 -8.56 -14.38 -18.89
C GLU B 85 -9.78 -13.75 -19.58
N ARG B 86 -10.71 -13.20 -18.81
CA ARG B 86 -11.84 -12.41 -19.31
C ARG B 86 -11.34 -11.24 -20.21
N TYR B 87 -10.34 -10.51 -19.74
CA TYR B 87 -9.69 -9.46 -20.58
C TYR B 87 -9.08 -10.00 -21.90
N THR B 88 -8.23 -11.04 -21.85
CA THR B 88 -7.54 -11.53 -23.04
C THR B 88 -8.50 -12.18 -24.03
N HIS B 89 -9.61 -12.71 -23.54
CA HIS B 89 -10.61 -13.30 -24.40
C HIS B 89 -11.30 -12.19 -25.18
N ARG B 90 -11.66 -11.10 -24.51
CA ARG B 90 -12.21 -9.97 -25.20
C ARG B 90 -11.18 -9.31 -26.13
N ARG B 91 -9.95 -9.21 -25.67
CA ARG B 91 -8.88 -8.60 -26.48
C ARG B 91 -8.73 -9.33 -27.83
N LYS B 92 -8.78 -10.66 -27.78
CA LYS B 92 -8.68 -11.49 -29.00
C LYS B 92 -9.87 -11.24 -29.95
N GLU B 93 -11.08 -11.19 -29.41
CA GLU B 93 -12.29 -10.92 -30.19
C GLU B 93 -12.19 -9.57 -30.88
N VAL B 94 -11.81 -8.56 -30.10
CA VAL B 94 -11.65 -7.20 -30.65
C VAL B 94 -10.55 -7.15 -31.70
N SER B 95 -9.44 -7.80 -31.42
CA SER B 95 -8.31 -7.78 -32.32
C SER B 95 -8.68 -8.41 -33.67
N GLU B 96 -9.36 -9.54 -33.62
CA GLU B 96 -9.84 -10.19 -34.85
C GLU B 96 -10.82 -9.31 -35.62
N GLU B 97 -11.76 -8.68 -34.94
CA GLU B 97 -12.68 -7.75 -35.58
C GLU B 97 -12.01 -6.55 -36.20
N ASN B 98 -10.93 -6.09 -35.60
CA ASN B 98 -10.16 -4.95 -36.09
C ASN B 98 -8.91 -5.40 -36.85
N HIS B 99 -9.00 -6.51 -37.56
CA HIS B 99 -8.00 -6.92 -38.55
C HIS B 99 -6.65 -7.11 -37.92
N ASN B 100 -6.69 -7.87 -36.82
CA ASN B 100 -5.54 -8.27 -36.02
CA ASN B 100 -5.51 -8.26 -36.06
C ASN B 100 -4.76 -7.10 -35.38
N HIS B 101 -5.51 -6.17 -34.82
CA HIS B 101 -4.93 -5.03 -34.10
C HIS B 101 -5.79 -4.76 -32.85
N ALA B 102 -5.31 -5.13 -31.68
CA ALA B 102 -6.03 -4.81 -30.45
C ALA B 102 -6.06 -3.32 -30.12
N ASN B 103 -5.04 -2.61 -30.53
CA ASN B 103 -4.89 -1.19 -30.22
C ASN B 103 -4.91 -1.04 -28.69
N GLU B 104 -4.01 -1.76 -28.05
CA GLU B 104 -3.97 -1.81 -26.61
C GLU B 104 -3.06 -0.73 -26.03
N ARG B 105 -3.57 -0.05 -25.00
CA ARG B 105 -2.89 1.06 -24.35
C ARG B 105 -2.75 0.84 -22.83
N MET B 106 -1.86 1.58 -22.19
CA MET B 106 -1.82 1.69 -20.71
C MET B 106 -2.36 3.08 -20.40
N LEU B 107 -3.43 3.13 -19.60
CA LEU B 107 -4.14 4.38 -19.30
C LEU B 107 -4.56 4.44 -17.84
N PHE B 108 -4.67 5.66 -17.31
CA PHE B 108 -5.09 5.86 -15.93
C PHE B 108 -6.60 5.79 -15.73
N HIS B 109 -7.00 5.37 -14.54
CA HIS B 109 -8.41 5.40 -14.10
C HIS B 109 -8.48 5.72 -12.63
N GLY B 110 -9.24 6.77 -12.34
CA GLY B 110 -9.45 7.23 -11.00
C GLY B 110 -10.89 6.99 -10.67
N SER B 111 -11.16 6.48 -9.48
CA SER B 111 -12.53 6.19 -9.11
C SER B 111 -12.66 5.90 -7.63
N PRO B 112 -13.77 6.29 -7.03
CA PRO B 112 -14.04 5.81 -5.65
C PRO B 112 -14.23 4.30 -5.52
N PHE B 113 -14.43 3.60 -6.62
CA PHE B 113 -14.62 2.14 -6.57
C PHE B 113 -13.38 1.32 -6.91
N VAL B 114 -12.19 1.91 -6.82
CA VAL B 114 -10.94 1.20 -7.12
CA VAL B 114 -10.95 1.21 -7.14
C VAL B 114 -10.84 -0.13 -6.38
N ASN B 115 -11.32 -0.19 -5.14
CA ASN B 115 -11.25 -1.47 -4.40
C ASN B 115 -12.15 -2.55 -5.01
N ALA B 116 -13.36 -2.19 -5.39
CA ALA B 116 -14.22 -3.09 -6.12
C ALA B 116 -13.62 -3.52 -7.46
N ILE B 117 -12.98 -2.59 -8.17
CA ILE B 117 -12.45 -2.92 -9.48
C ILE B 117 -11.38 -4.00 -9.43
N ILE B 118 -10.46 -3.88 -8.50
CA ILE B 118 -9.32 -4.79 -8.47
C ILE B 118 -9.76 -6.21 -8.10
N HIS B 119 -10.89 -6.31 -7.41
CA HIS B 119 -11.39 -7.62 -6.98
C HIS B 119 -12.40 -8.26 -7.92
N LYS B 120 -13.25 -7.44 -8.51
CA LYS B 120 -14.36 -7.92 -9.33
C LYS B 120 -14.23 -7.55 -10.81
N GLY B 121 -13.30 -6.64 -11.12
CA GLY B 121 -13.09 -6.23 -12.50
C GLY B 121 -13.94 -5.03 -12.85
N PHE B 122 -13.72 -4.47 -14.05
CA PHE B 122 -14.58 -3.42 -14.52
C PHE B 122 -15.93 -3.98 -15.01
N ASP B 123 -16.99 -3.24 -14.77
CA ASP B 123 -18.29 -3.51 -15.41
C ASP B 123 -19.13 -2.23 -15.40
N GLU B 124 -20.40 -2.34 -15.80
CA GLU B 124 -21.24 -1.13 -15.98
C GLU B 124 -21.40 -0.31 -14.72
N ARG B 125 -21.22 -0.91 -13.55
CA ARG B 125 -21.30 -0.10 -12.31
C ARG B 125 -20.15 0.94 -12.22
N HIS B 126 -19.11 0.77 -13.04
CA HIS B 126 -17.95 1.72 -13.03
C HIS B 126 -17.99 2.80 -14.14
N ALA B 127 -19.11 2.80 -14.87
CA ALA B 127 -19.37 3.75 -15.94
C ALA B 127 -19.70 5.13 -15.41
N TYR B 128 -19.37 6.11 -16.23
CA TYR B 128 -19.65 7.52 -15.96
C TYR B 128 -20.84 7.81 -16.83
N ILE B 129 -22.03 7.75 -16.24
CA ILE B 129 -23.25 7.80 -17.06
C ILE B 129 -23.32 9.14 -17.76
N GLY B 130 -22.91 10.20 -17.06
CA GLY B 130 -23.00 11.52 -17.61
C GLY B 130 -21.77 11.99 -18.37
N GLY B 131 -20.91 11.09 -18.77
CA GLY B 131 -19.71 11.47 -19.49
C GLY B 131 -20.02 12.05 -20.87
N MET B 132 -19.17 12.95 -21.30
CA MET B 132 -19.36 13.64 -22.60
C MET B 132 -19.34 12.74 -23.84
N PHE B 133 -18.79 11.53 -23.73
CA PHE B 133 -18.84 10.57 -24.83
C PHE B 133 -19.75 9.38 -24.53
N GLY B 134 -20.73 9.62 -23.69
CA GLY B 134 -21.73 8.63 -23.40
C GLY B 134 -21.37 7.83 -22.20
N ALA B 135 -22.33 6.99 -21.81
CA ALA B 135 -22.26 6.17 -20.60
C ALA B 135 -21.30 5.02 -20.85
N GLY B 136 -20.07 5.20 -20.44
CA GLY B 136 -19.05 4.16 -20.60
C GLY B 136 -18.02 4.36 -19.50
N ILE B 137 -16.97 3.56 -19.56
CA ILE B 137 -15.89 3.62 -18.59
C ILE B 137 -14.76 4.46 -19.20
N TYR B 138 -14.37 5.48 -18.47
CA TYR B 138 -13.47 6.51 -18.94
C TYR B 138 -12.03 6.32 -18.41
N PHE B 139 -11.05 6.55 -19.28
CA PHE B 139 -9.65 6.43 -18.94
C PHE B 139 -8.93 7.67 -19.48
N ALA B 140 -7.80 8.00 -18.87
CA ALA B 140 -7.02 9.18 -19.26
C ALA B 140 -5.57 8.89 -19.53
N GLU B 141 -5.01 9.61 -20.50
CA GLU B 141 -3.55 9.69 -20.62
C GLU B 141 -2.92 10.58 -19.55
N ASN B 142 -3.60 11.64 -19.11
CA ASN B 142 -3.09 12.47 -18.04
C ASN B 142 -3.44 11.85 -16.69
N SER B 143 -2.44 11.50 -15.89
CA SER B 143 -2.68 11.03 -14.53
C SER B 143 -3.52 12.04 -13.73
N SER B 144 -3.27 13.33 -13.95
CA SER B 144 -3.92 14.38 -13.18
C SER B 144 -5.40 14.48 -13.54
N LYS B 145 -5.77 14.01 -14.74
CA LYS B 145 -7.18 14.00 -15.14
C LYS B 145 -7.89 12.90 -14.31
N SER B 146 -7.31 11.69 -14.25
CA SER B 146 -7.87 10.62 -13.44
C SER B 146 -7.90 10.97 -11.94
N ASN B 147 -6.92 11.75 -11.47
CA ASN B 147 -6.87 12.22 -10.07
C ASN B 147 -8.12 13.03 -9.71
N GLN B 148 -8.66 13.76 -10.67
CA GLN B 148 -9.93 14.47 -10.49
C GLN B 148 -11.13 13.64 -10.10
N TYR B 149 -11.04 12.32 -10.27
CA TYR B 149 -12.16 11.40 -10.07
C TYR B 149 -11.98 10.45 -8.91
N VAL B 150 -10.83 10.54 -8.24
CA VAL B 150 -10.53 9.66 -7.11
C VAL B 150 -11.59 9.75 -6.01
N TYR B 151 -12.02 10.96 -5.74
CA TYR B 151 -13.03 11.19 -4.71
C TYR B 151 -14.45 11.35 -5.27
N GLY B 152 -14.64 10.96 -6.53
CA GLY B 152 -15.93 11.08 -7.20
C GLY B 152 -15.93 12.08 -8.34
N ILE B 153 -17.05 12.16 -9.05
CA ILE B 153 -17.23 13.17 -10.12
C ILE B 153 -17.01 14.55 -9.58
N GLY B 154 -16.14 15.33 -10.23
CA GLY B 154 -15.84 16.67 -9.79
C GLY B 154 -15.03 16.74 -8.50
N GLY B 155 -14.42 15.61 -8.13
CA GLY B 155 -13.74 15.45 -6.87
C GLY B 155 -14.67 15.20 -5.66
N GLY B 156 -15.97 15.01 -5.91
CA GLY B 156 -16.96 14.90 -4.85
C GLY B 156 -16.77 15.96 -3.80
N THR B 157 -16.68 15.56 -2.53
CA THR B 157 -16.44 16.50 -1.42
C THR B 157 -15.03 16.33 -0.87
N GLY B 158 -14.17 15.69 -1.65
CA GLY B 158 -12.76 15.55 -1.33
C GLY B 158 -12.53 14.35 -0.41
N CYS B 159 -11.44 14.39 0.32
CA CYS B 159 -11.05 13.26 1.12
C CYS B 159 -12.08 13.04 2.22
N PRO B 160 -12.27 11.78 2.64
CA PRO B 160 -13.23 11.51 3.72
C PRO B 160 -12.91 12.17 5.05
N VAL B 161 -11.63 12.25 5.40
CA VAL B 161 -11.20 12.78 6.72
C VAL B 161 -11.30 14.28 6.84
N HIS B 162 -10.92 15.02 5.80
CA HIS B 162 -10.85 16.44 5.90
C HIS B 162 -11.84 17.17 4.97
N LYS B 163 -12.55 16.43 4.12
CA LYS B 163 -13.41 17.02 3.10
C LYS B 163 -12.65 18.05 2.28
N ASP B 164 -11.44 17.70 1.86
CA ASP B 164 -10.61 18.62 1.12
C ASP B 164 -10.23 17.97 -0.21
N ARG B 165 -10.65 18.56 -1.33
CA ARG B 165 -10.32 18.02 -2.65
C ARG B 165 -8.84 18.21 -2.94
N SER B 166 -8.21 19.15 -2.25
CA SER B 166 -6.77 19.35 -2.39
C SER B 166 -5.98 18.82 -1.21
N CYS B 167 -6.47 17.78 -0.55
CA CYS B 167 -5.79 17.29 0.68
C CYS B 167 -4.40 16.79 0.32
N TYR B 168 -3.42 17.24 1.06
CA TYR B 168 -2.02 16.84 0.89
C TYR B 168 -1.59 15.73 1.88
N ILE B 169 -2.51 15.34 2.75
CA ILE B 169 -2.23 14.38 3.85
C ILE B 169 -2.72 13.00 3.47
N CYS B 170 -3.95 12.92 3.02
CA CYS B 170 -4.61 11.64 2.83
C CYS B 170 -4.08 10.91 1.60
N HIS B 171 -3.97 9.60 1.72
CA HIS B 171 -3.47 8.75 0.65
C HIS B 171 -4.53 8.47 -0.37
N ARG B 172 -4.19 8.63 -1.66
CA ARG B 172 -5.08 8.40 -2.76
C ARG B 172 -4.62 7.18 -3.51
N GLN B 173 -5.54 6.60 -4.25
CA GLN B 173 -5.21 5.51 -5.14
C GLN B 173 -5.77 5.75 -6.54
N LEU B 174 -4.99 5.38 -7.56
CA LEU B 174 -5.37 5.38 -8.99
C LEU B 174 -4.97 4.05 -9.54
N LEU B 175 -5.60 3.66 -10.65
CA LEU B 175 -5.20 2.48 -11.40
C LEU B 175 -4.50 2.89 -12.66
N PHE B 176 -3.53 2.08 -13.06
CA PHE B 176 -2.90 2.24 -14.38
C PHE B 176 -3.24 0.92 -15.06
N CYS B 177 -4.07 1.00 -16.09
CA CYS B 177 -4.79 -0.14 -16.65
C CYS B 177 -4.42 -0.45 -18.08
N ARG B 178 -4.49 -1.73 -18.41
CA ARG B 178 -4.36 -2.20 -19.77
C ARG B 178 -5.74 -2.10 -20.43
N VAL B 179 -5.87 -1.35 -21.52
CA VAL B 179 -7.13 -1.05 -22.15
C VAL B 179 -7.09 -1.37 -23.64
N THR B 180 -8.06 -2.19 -24.08
CA THR B 180 -8.21 -2.56 -25.48
C THR B 180 -9.13 -1.56 -26.17
N LEU B 181 -8.56 -0.80 -27.10
CA LEU B 181 -9.36 0.21 -27.81
C LEU B 181 -9.98 -0.25 -29.10
N GLY B 182 -9.38 -1.22 -29.76
CA GLY B 182 -9.84 -1.66 -31.08
C GLY B 182 -9.85 -0.50 -32.06
N LYS B 183 -10.85 -0.52 -32.92
CA LYS B 183 -11.18 0.60 -33.78
C LYS B 183 -11.83 1.65 -32.94
N SER B 184 -11.13 2.75 -32.73
CA SER B 184 -11.59 3.76 -31.83
C SER B 184 -12.14 4.95 -32.62
N PHE B 185 -13.34 5.39 -32.26
CA PHE B 185 -13.95 6.52 -32.92
C PHE B 185 -13.35 7.81 -32.41
N LEU B 186 -12.77 8.60 -33.31
CA LEU B 186 -12.15 9.84 -32.89
C LEU B 186 -13.14 10.95 -32.75
N GLN B 187 -13.26 11.50 -31.55
CA GLN B 187 -14.15 12.60 -31.28
C GLN B 187 -13.33 13.75 -30.76
N PHE B 188 -13.25 14.85 -31.51
CA PHE B 188 -12.57 16.03 -31.03
C PHE B 188 -13.53 16.68 -30.04
N SER B 189 -12.99 17.25 -28.99
CA SER B 189 -13.83 17.82 -27.96
C SER B 189 -13.32 19.19 -27.69
N ALA B 190 -14.23 20.08 -27.31
CA ALA B 190 -13.96 21.49 -27.14
C ALA B 190 -13.16 21.81 -25.89
N MET B 191 -12.84 20.80 -25.10
CA MET B 191 -12.03 21.00 -23.91
C MET B 191 -10.55 21.34 -24.25
N LYS B 192 -9.82 21.91 -23.44
N MET B 193 -25.18 1.50 -19.42
CA MET B 193 -23.96 1.66 -20.28
C MET B 193 -24.30 1.64 -21.79
N ALA B 194 -23.90 2.70 -22.49
CA ALA B 194 -24.12 2.89 -23.92
C ALA B 194 -23.36 1.87 -24.76
N HIS B 195 -23.57 1.90 -26.06
CA HIS B 195 -22.84 1.01 -26.98
C HIS B 195 -21.79 1.82 -27.72
N SER B 196 -20.77 1.15 -28.19
CA SER B 196 -19.78 1.80 -29.05
C SER B 196 -20.47 2.28 -30.30
N PRO B 197 -19.89 3.30 -30.97
CA PRO B 197 -20.34 3.63 -32.31
C PRO B 197 -20.22 2.42 -33.23
N PRO B 198 -21.19 2.25 -34.13
CA PRO B 198 -21.15 1.07 -35.01
C PRO B 198 -19.82 0.89 -35.72
N GLY B 199 -19.35 -0.34 -35.72
CA GLY B 199 -18.08 -0.68 -36.33
C GLY B 199 -16.89 -0.26 -35.48
N HIS B 200 -17.14 0.29 -34.29
CA HIS B 200 -16.04 0.73 -33.39
C HIS B 200 -16.10 0.04 -32.02
N HIS B 201 -14.97 0.01 -31.32
CA HIS B 201 -14.84 -0.68 -30.02
C HIS B 201 -14.56 0.27 -28.86
N SER B 202 -14.43 1.56 -29.18
CA SER B 202 -14.17 2.58 -28.21
C SER B 202 -14.31 3.96 -28.84
N VAL B 203 -14.22 4.97 -27.97
CA VAL B 203 -14.16 6.36 -28.38
C VAL B 203 -12.93 7.03 -27.82
N THR B 204 -12.29 7.83 -28.67
CA THR B 204 -11.11 8.59 -28.32
C THR B 204 -11.58 10.04 -28.27
N GLY B 205 -11.53 10.61 -27.08
CA GLY B 205 -11.88 11.99 -26.83
C GLY B 205 -10.63 12.82 -26.85
N ARG B 206 -10.49 13.68 -27.85
CA ARG B 206 -9.24 14.40 -27.99
C ARG B 206 -9.44 15.88 -27.85
N PRO B 207 -8.90 16.48 -26.78
CA PRO B 207 -9.10 17.90 -26.55
C PRO B 207 -8.57 18.70 -27.73
N SER B 208 -9.38 19.60 -28.27
CA SER B 208 -8.93 20.38 -29.41
C SER B 208 -8.60 21.84 -29.06
N VAL B 209 -8.91 22.28 -27.84
CA VAL B 209 -8.62 23.68 -27.43
C VAL B 209 -7.36 23.80 -26.58
N ASN B 210 -7.27 23.01 -25.50
CA ASN B 210 -6.05 22.98 -24.69
C ASN B 210 -5.00 22.07 -25.32
N GLY B 211 -3.96 22.65 -25.89
CA GLY B 211 -2.97 21.87 -26.64
C GLY B 211 -2.11 20.97 -25.77
N LEU B 212 -2.13 21.21 -24.46
CA LEU B 212 -1.35 20.37 -23.54
C LEU B 212 -2.18 19.27 -22.91
N ALA B 213 -3.48 19.24 -23.20
CA ALA B 213 -4.35 18.23 -22.61
C ALA B 213 -4.27 16.98 -23.46
N LEU B 214 -3.99 15.85 -22.82
CA LEU B 214 -3.92 14.58 -23.56
C LEU B 214 -5.32 13.95 -23.73
N ALA B 215 -5.39 12.84 -24.44
CA ALA B 215 -6.67 12.22 -24.78
C ALA B 215 -7.27 11.48 -23.61
N GLU B 216 -8.59 11.33 -23.72
CA GLU B 216 -9.40 10.51 -22.83
C GLU B 216 -10.06 9.46 -23.69
N TYR B 217 -10.33 8.29 -23.11
CA TYR B 217 -10.82 7.17 -23.88
C TYR B 217 -11.96 6.56 -23.14
N VAL B 218 -12.94 6.07 -23.91
CA VAL B 218 -14.13 5.43 -23.37
C VAL B 218 -14.30 4.08 -24.01
N ILE B 219 -14.51 3.09 -23.14
CA ILE B 219 -14.95 1.75 -23.54
C ILE B 219 -16.33 1.47 -22.96
N TYR B 220 -17.05 0.58 -23.64
CA TYR B 220 -18.43 0.29 -23.30
C TYR B 220 -18.62 -1.15 -22.85
N ARG B 221 -17.53 -1.87 -22.69
CA ARG B 221 -17.55 -3.24 -22.17
C ARG B 221 -16.46 -3.27 -21.11
N GLY B 222 -16.77 -3.70 -19.89
CA GLY B 222 -15.75 -3.82 -18.82
C GLY B 222 -14.62 -4.78 -19.12
N GLU B 223 -14.89 -5.78 -19.96
CA GLU B 223 -13.88 -6.75 -20.32
C GLU B 223 -12.78 -6.21 -21.21
N GLN B 224 -12.91 -4.98 -21.69
CA GLN B 224 -11.85 -4.34 -22.47
C GLN B 224 -10.86 -3.54 -21.64
N ALA B 225 -10.91 -3.72 -20.31
CA ALA B 225 -9.83 -3.17 -19.45
C ALA B 225 -9.43 -4.13 -18.35
N TYR B 226 -8.15 -4.08 -17.99
CA TYR B 226 -7.63 -4.85 -16.88
C TYR B 226 -6.85 -3.91 -15.98
N PRO B 227 -7.21 -3.87 -14.68
CA PRO B 227 -6.53 -2.98 -13.72
C PRO B 227 -5.11 -3.46 -13.33
N GLU B 228 -4.11 -3.22 -14.15
CA GLU B 228 -2.82 -3.90 -13.94
C GLU B 228 -2.02 -3.42 -12.73
N TYR B 229 -2.01 -2.11 -12.45
CA TYR B 229 -1.23 -1.51 -11.36
C TYR B 229 -2.14 -0.64 -10.50
N LEU B 230 -1.98 -0.83 -9.21
CA LEU B 230 -2.62 -0.01 -8.19
C LEU B 230 -1.57 0.89 -7.53
N ILE B 231 -1.77 2.21 -7.70
CA ILE B 231 -0.81 3.20 -7.29
C ILE B 231 -1.38 3.99 -6.11
N THR B 232 -0.64 3.99 -5.00
CA THR B 232 -1.00 4.74 -3.77
C THR B 232 -0.10 5.94 -3.66
N TYR B 233 -0.68 7.15 -3.49
CA TYR B 233 0.09 8.38 -3.60
C TYR B 233 -0.54 9.54 -2.82
N GLN B 234 0.23 10.59 -2.67
CA GLN B 234 -0.29 11.85 -2.21
C GLN B 234 0.00 12.90 -3.28
N ILE B 235 -0.89 13.86 -3.43
CA ILE B 235 -0.52 15.04 -4.21
C ILE B 235 0.38 15.88 -3.31
N MET B 236 1.33 16.60 -3.91
CA MET B 236 2.28 17.41 -3.19
C MET B 236 1.98 18.92 -3.34
N ARG B 237 2.01 19.62 -2.22
CA ARG B 237 1.79 21.07 -2.24
C ARG B 237 2.97 21.77 -2.93
N PRO B 238 2.72 22.60 -3.96
CA PRO B 238 3.86 23.27 -4.61
C PRO B 238 4.63 24.15 -3.62
N GLU B 239 5.93 24.30 -3.82
CA GLU B 239 6.75 25.13 -2.92
C GLU B 239 6.55 26.61 -3.17
ZN ZN C . 14.56 -22.27 4.51
S SO4 D . -1.37 -6.42 3.61
O1 SO4 D . -1.83 -5.32 4.50
O2 SO4 D . -0.09 -6.95 4.08
O3 SO4 D . -1.23 -5.78 2.33
O4 SO4 D . -2.42 -7.42 3.59
S SO4 E . -3.81 -24.94 9.82
O1 SO4 E . -4.63 -24.60 10.99
O2 SO4 E . -2.38 -24.88 10.21
O3 SO4 E . -4.07 -23.97 8.74
O4 SO4 E . -4.15 -26.27 9.26
C1 GOL F . -13.31 -1.55 7.34
O1 GOL F . -13.02 -1.67 5.95
C2 GOL F . -12.59 -0.32 7.91
O2 GOL F . -13.55 0.78 7.97
C3 GOL F . -11.37 0.08 7.07
O3 GOL F . -10.26 -0.84 7.34
C1 GOL G . -6.67 -10.69 14.46
O1 GOL G . -5.63 -11.14 13.56
C2 GOL G . -7.78 -10.04 13.64
O2 GOL G . -8.99 -10.83 13.66
C3 GOL G . -7.30 -9.92 12.20
O3 GOL G . -6.20 -8.99 12.11
O F33 H . 14.54 -1.15 5.28
C4 F33 H . 15.19 -1.56 6.21
C1 F33 H . 17.04 -1.59 7.60
N F33 H . 14.81 -2.22 7.30
C5 F33 H . 13.49 -2.60 7.65
C10 F33 H . 12.36 -2.26 6.86
C9 F33 H . 11.06 -2.57 7.28
C6 F33 H . 13.26 -3.25 8.86
C7 F33 H . 11.96 -3.57 9.26
O10 F33 H . 16.60 -1.29 6.29
C8 F33 H . 10.86 -3.30 8.45
C11 F33 H . 9.47 -3.54 8.96
N2 F33 H . 9.27 -4.29 10.06
C18 F33 H . 8.06 -4.46 10.59
O1 F33 H . 7.89 -5.21 11.56
N1 F33 H . 8.48 -2.82 8.38
C12 F33 H . 7.22 -2.90 8.82
C17 F33 H . 6.94 -3.68 10.03
C13 F33 H . 6.18 -2.20 8.22
C14 F33 H . 4.89 -2.26 8.73
C15 F33 H . 4.60 -3.04 9.85
C2 F33 H . 15.91 -2.39 8.27
C16 F33 H . 5.63 -3.75 10.49
C1 PEG I . 15.61 -5.14 31.10
O1 PEG I . 16.65 -5.01 32.07
C2 PEG I . 14.24 -5.38 31.71
O2 PEG I . 13.29 -5.41 30.65
C3 PEG I . 11.97 -5.78 31.08
C4 PEG I . 11.30 -4.63 31.82
O4 PEG I . 9.88 -4.61 31.52
ZN ZN J . -7.53 14.46 3.96
S SO4 K . -9.67 20.12 -17.60
O1 SO4 K . -9.62 19.13 -16.55
O2 SO4 K . -9.54 19.25 -18.77
O3 SO4 K . -8.57 21.11 -17.67
O4 SO4 K . -10.98 20.77 -17.78
S SO4 L . 6.75 21.95 -6.90
O1 SO4 L . 7.30 22.83 -5.86
O2 SO4 L . 7.79 21.50 -7.83
O3 SO4 L . 5.73 22.72 -7.61
O4 SO4 L . 6.12 20.74 -6.28
O F33 M . -20.00 7.95 -12.28
C4 F33 M . -19.49 7.04 -11.66
C1 F33 M . -19.54 4.91 -10.80
N F33 M . -18.20 6.67 -11.59
C5 F33 M . -17.09 7.28 -12.22
C10 F33 M . -17.20 8.43 -12.99
C9 F33 M . -16.09 8.96 -13.67
C6 F33 M . -15.84 6.65 -12.14
C7 F33 M . -14.75 7.19 -12.80
O10 F33 M . -20.30 6.09 -10.94
C8 F33 M . -14.84 8.37 -13.51
C11 F33 M . -13.68 8.83 -14.30
N2 F33 M . -12.44 8.30 -14.10
C18 F33 M . -11.38 8.66 -14.85
O1 F33 M . -10.25 8.18 -14.57
N1 F33 M . -13.96 9.61 -15.35
C12 F33 M . -12.98 10.05 -16.19
C17 F33 M . -11.63 9.52 -16.03
C13 F33 M . -13.26 10.89 -17.26
C14 F33 M . -12.23 11.29 -18.13
C15 F33 M . -10.94 10.78 -17.97
C2 F33 M . -18.06 5.39 -10.88
C16 F33 M . -10.62 9.93 -16.91
#